data_8ZBO
#
_entry.id   8ZBO
#
_cell.length_a   53.652
_cell.length_b   81.254
_cell.length_c   98.813
_cell.angle_alpha   90.00
_cell.angle_beta   90.00
_cell.angle_gamma   90.00
#
_symmetry.space_group_name_H-M   'P 21 21 21'
#
loop_
_entity.id
_entity.type
_entity.pdbx_description
1 polymer 'F97M variant of the biphotochromic fluorescent protein moxSAASoti'
2 non-polymer 'NITRATE ION'
3 non-polymer 1,2-ETHANEDIOL
4 non-polymer 'TRIETHYLENE GLYCOL'
5 water water
#
_entity_poly.entity_id   1
_entity_poly.type   'polypeptide(L)'
_entity_poly.pdbx_seq_one_letter_code
;MMALSKQYIPDDMELIFHMDGNVNGHYFTIVATGKAKPYEGKQNLKATVTKGAPLPFSTDILSTVM(5SQ)NRGIVHYPP
GIPDYFKQSFPEGYSWERTMAFEDGGFGTVSADIKLKDNTFIHTSMFHGTNFPADGPVMQRKTIQWEKSIEKMTVSDGIV
KGDITMFLLLEGGGKYRAQFHTSYKAKKVVEMPQSHYVEHSIERTNDDGTQFELNEHAVARLNEI
;
_entity_poly.pdbx_strand_id   C,A
#
loop_
_chem_comp.id
_chem_comp.type
_chem_comp.name
_chem_comp.formula
EDO non-polymer 1,2-ETHANEDIOL 'C2 H6 O2'
NO3 non-polymer 'NITRATE ION' 'N O3 -1'
PGE non-polymer 'TRIETHYLENE GLYCOL' 'C6 H14 O4'
#
# COMPACT_ATOMS: atom_id res chain seq x y z
N TYR A 8 -9.76 2.99 22.05
CA TYR A 8 -8.76 2.46 21.06
C TYR A 8 -9.34 2.48 19.64
N ILE A 9 -10.62 2.09 19.49
CA ILE A 9 -11.31 2.07 18.21
C ILE A 9 -12.25 3.27 18.21
N PRO A 10 -11.87 4.39 17.53
CA PRO A 10 -12.74 5.56 17.46
C PRO A 10 -13.82 5.29 16.41
N ASP A 11 -14.76 6.21 16.34
CA ASP A 11 -15.95 6.05 15.49
C ASP A 11 -15.56 6.07 14.02
N ASP A 12 -14.52 6.87 13.65
CA ASP A 12 -14.06 6.97 12.28
C ASP A 12 -12.58 6.58 12.24
N MET A 13 -12.24 5.72 11.30
CA MET A 13 -10.90 5.19 11.11
C MET A 13 -10.46 5.22 9.67
N GLU A 14 -9.13 5.33 9.49
CA GLU A 14 -8.48 5.15 8.20
C GLU A 14 -8.07 3.70 8.05
N LEU A 15 -7.93 3.24 6.80
CA LEU A 15 -7.55 1.85 6.49
C LEU A 15 -6.38 1.91 5.53
N ILE A 16 -5.38 1.07 5.78
CA ILE A 16 -4.28 0.87 4.85
C ILE A 16 -4.16 -0.63 4.62
N PHE A 17 -3.92 -1.05 3.35
CA PHE A 17 -3.79 -2.47 3.01
C PHE A 17 -2.54 -2.72 2.20
N HIS A 18 -1.86 -3.85 2.48
CA HIS A 18 -0.86 -4.44 1.62
C HIS A 18 -1.23 -5.91 1.49
N MET A 19 -1.27 -6.38 0.26
CA MET A 19 -1.50 -7.79 -0.04
C MET A 19 -0.46 -8.31 -1.04
N ASP A 20 0.18 -9.43 -0.67
CA ASP A 20 0.99 -10.25 -1.56
C ASP A 20 0.15 -11.50 -1.93
N GLY A 21 0.10 -11.83 -3.23
CA GLY A 21 -0.65 -13.01 -3.58
C GLY A 21 -0.16 -13.74 -4.84
N ASN A 22 -0.76 -14.90 -5.03
CA ASN A 22 -0.54 -15.73 -6.18
C ASN A 22 -1.87 -16.43 -6.50
N VAL A 23 -2.37 -16.38 -7.76
CA VAL A 23 -3.53 -17.17 -8.15
C VAL A 23 -3.14 -17.95 -9.36
N ASN A 24 -3.14 -19.29 -9.25
CA ASN A 24 -2.80 -20.16 -10.38
C ASN A 24 -1.39 -19.90 -10.88
N GLY A 25 -0.47 -19.47 -10.02
CA GLY A 25 0.89 -19.14 -10.43
C GLY A 25 1.10 -17.68 -10.90
N HIS A 26 0.03 -16.87 -10.99
CA HIS A 26 0.21 -15.46 -11.34
C HIS A 26 0.41 -14.69 -10.04
N TYR A 27 1.58 -14.06 -9.86
CA TYR A 27 1.90 -13.29 -8.67
C TYR A 27 1.43 -11.86 -8.84
N PHE A 28 1.02 -11.26 -7.73
CA PHE A 28 0.62 -9.86 -7.71
C PHE A 28 0.85 -9.24 -6.34
N THR A 29 0.76 -7.90 -6.33
CA THR A 29 0.72 -7.11 -5.10
C THR A 29 -0.36 -6.07 -5.25
N ILE A 30 -1.07 -5.80 -4.14
CA ILE A 30 -2.12 -4.81 -4.06
C ILE A 30 -1.83 -3.91 -2.87
N VAL A 31 -1.94 -2.60 -3.10
CA VAL A 31 -2.05 -1.63 -2.04
C VAL A 31 -3.45 -1.01 -2.10
N ALA A 32 -3.92 -0.55 -0.96
CA ALA A 32 -5.22 0.07 -0.90
C ALA A 32 -5.31 0.97 0.31
N THR A 33 -6.18 2.00 0.17
CA THR A 33 -6.56 2.86 1.27
C THR A 33 -8.05 3.00 1.32
N GLY A 34 -8.54 3.28 2.54
CA GLY A 34 -9.96 3.44 2.73
C GLY A 34 -10.33 3.99 4.09
N LYS A 35 -11.58 3.80 4.47
CA LYS A 35 -12.12 4.44 5.65
C LYS A 35 -13.13 3.49 6.25
N ALA A 36 -13.33 3.62 7.55
CA ALA A 36 -14.35 2.84 8.26
C ALA A 36 -15.03 3.62 9.36
N LYS A 37 -16.25 3.14 9.67
CA LYS A 37 -16.98 3.47 10.84
C LYS A 37 -17.26 2.11 11.50
N PRO A 38 -16.34 1.65 12.39
CA PRO A 38 -16.42 0.30 12.98
C PRO A 38 -17.73 -0.03 13.73
N TYR A 39 -18.26 0.94 14.46
CA TYR A 39 -19.48 0.73 15.25
C TYR A 39 -20.73 0.68 14.33
N GLU A 40 -20.66 1.23 13.09
CA GLU A 40 -21.72 1.07 12.11
C GLU A 40 -21.48 -0.09 11.15
N GLY A 41 -20.42 -0.89 11.36
CA GLY A 41 -20.03 -2.01 10.54
C GLY A 41 -19.73 -1.64 9.09
N LYS A 42 -19.32 -0.40 8.81
CA LYS A 42 -19.17 0.14 7.45
C LYS A 42 -17.70 0.33 7.12
N GLN A 43 -17.35 -0.06 5.90
CA GLN A 43 -16.01 0.29 5.42
C GLN A 43 -15.98 0.27 3.90
N ASN A 44 -14.99 0.99 3.35
CA ASN A 44 -14.79 1.01 1.90
C ASN A 44 -13.31 1.20 1.65
N LEU A 45 -12.91 0.86 0.44
CA LEU A 45 -11.51 1.11 0.07
C LEU A 45 -11.41 1.30 -1.44
N LYS A 46 -10.26 1.85 -1.82
CA LYS A 46 -9.81 1.80 -3.21
C LYS A 46 -8.42 1.16 -3.31
N ALA A 47 -8.28 0.24 -4.24
CA ALA A 47 -7.14 -0.64 -4.36
C ALA A 47 -6.45 -0.40 -5.70
N THR A 48 -5.10 -0.51 -5.68
CA THR A 48 -4.27 -0.47 -6.84
C THR A 48 -3.37 -1.71 -6.85
N VAL A 49 -3.37 -2.38 -7.99
CA VAL A 49 -2.49 -3.50 -8.27
C VAL A 49 -1.14 -2.95 -8.70
N THR A 50 -0.11 -3.06 -7.83
CA THR A 50 1.20 -2.46 -8.12
C THR A 50 2.16 -3.45 -8.76
N LYS A 51 1.87 -4.74 -8.71
CA LYS A 51 2.68 -5.74 -9.39
C LYS A 51 1.71 -6.77 -9.95
N GLY A 52 1.92 -7.15 -11.24
CA GLY A 52 1.11 -8.22 -11.81
C GLY A 52 -0.27 -7.76 -12.30
N ALA A 53 -0.36 -6.47 -12.66
CA ALA A 53 -1.60 -5.92 -13.18
C ALA A 53 -1.61 -6.11 -14.70
N PRO A 54 -2.75 -6.23 -15.42
CA PRO A 54 -4.08 -6.37 -14.83
C PRO A 54 -4.24 -7.75 -14.25
N LEU A 55 -5.03 -7.88 -13.18
CA LEU A 55 -5.32 -9.17 -12.59
C LEU A 55 -5.98 -10.01 -13.66
N PRO A 56 -5.44 -11.20 -13.97
CA PRO A 56 -6.10 -12.13 -14.90
C PRO A 56 -7.09 -13.13 -14.28
N PHE A 57 -7.63 -12.80 -13.11
CA PHE A 57 -8.62 -13.60 -12.44
C PHE A 57 -9.60 -12.64 -11.78
N SER A 58 -10.74 -13.24 -11.34
CA SER A 58 -11.81 -12.55 -10.66
C SER A 58 -11.29 -11.82 -9.43
N THR A 59 -11.53 -10.53 -9.33
CA THR A 59 -11.26 -9.76 -8.12
C THR A 59 -12.07 -10.30 -6.92
N ASP A 60 -13.25 -10.86 -7.20
CA ASP A 60 -14.10 -11.32 -6.14
C ASP A 60 -13.50 -12.48 -5.30
N ILE A 61 -12.49 -13.21 -5.80
CA ILE A 61 -11.83 -14.18 -4.96
C ILE A 61 -10.92 -13.53 -3.94
N LEU A 62 -10.57 -12.25 -4.08
CA LEU A 62 -9.77 -11.65 -3.02
C LEU A 62 -10.46 -10.52 -2.27
N SER A 63 -11.68 -10.14 -2.67
CA SER A 63 -12.33 -8.99 -2.05
C SER A 63 -12.58 -9.22 -0.55
N THR A 64 -12.84 -10.50 -0.15
CA THR A 64 -13.09 -10.80 1.25
C THR A 64 -11.80 -10.87 2.06
N VAL A 65 -10.63 -10.92 1.39
CA VAL A 65 -9.34 -10.81 2.02
C VAL A 65 -9.21 -9.41 2.64
N MET A 66 -9.59 -8.38 1.88
CA MET A 66 -9.44 -7.02 2.37
C MET A 66 -10.66 -6.56 3.16
C1 5SQ A 67 -13.34 -8.20 4.52
C2 5SQ A 67 -13.16 -9.96 5.92
O3 5SQ A 67 -9.71 -8.42 7.54
C3 5SQ A 67 -10.91 -8.27 7.33
CA3 5SQ A 67 -11.20 -8.45 5.87
N3 5SQ A 67 -12.56 -8.79 5.53
O2 5SQ A 67 -12.65 -10.79 6.65
CA1 5SQ A 67 -12.96 -6.93 3.80
N1 5SQ A 67 -11.86 -7.12 2.86
CB1 5SQ A 67 -14.17 -6.30 3.02
CG1 5SQ A 67 -14.00 -4.91 2.52
C2H 5SQ A 67 -14.76 -4.20 1.64
N2H 5SQ A 67 -14.23 -2.92 1.63
N1H 5SQ A 67 -13.16 -4.04 3.16
C1H 5SQ A 67 -13.28 -2.87 2.54
N2 5SQ A 67 -14.41 -8.91 4.21
CA2 5SQ A 67 -14.35 -10.07 5.04
CB2 5SQ A 67 -15.16 -11.13 5.09
CG2 5SQ A 67 -16.35 -11.44 4.32
CD2 5SQ A 67 -17.07 -10.51 3.56
CE2 5SQ A 67 -18.15 -10.86 2.78
CD1 5SQ A 67 -16.84 -12.73 4.33
CE1 5SQ A 67 -17.97 -13.10 3.58
CZ1 5SQ A 67 -18.62 -12.17 2.77
OH 5SQ A 67 -19.74 -12.54 2.08
N ASN A 68 -11.93 -7.75 8.11
CA ASN A 68 -11.59 -7.23 9.43
C ASN A 68 -12.87 -7.30 10.23
N ARG A 69 -12.92 -8.29 11.12
CA ARG A 69 -14.15 -8.52 11.88
C ARG A 69 -14.28 -7.53 13.02
N GLY A 70 -13.32 -6.60 13.22
CA GLY A 70 -13.51 -5.42 14.03
C GLY A 70 -14.49 -4.40 13.43
N ILE A 71 -14.81 -4.49 12.16
CA ILE A 71 -15.66 -3.53 11.47
C ILE A 71 -17.00 -4.21 11.25
N VAL A 72 -17.67 -4.42 12.37
CA VAL A 72 -18.96 -5.08 12.45
C VAL A 72 -19.73 -4.31 13.49
N HIS A 73 -21.03 -4.04 13.24
CA HIS A 73 -21.87 -3.51 14.26
C HIS A 73 -22.23 -4.66 15.19
N TYR A 74 -21.74 -4.59 16.45
CA TYR A 74 -22.13 -5.53 17.50
C TYR A 74 -23.15 -4.87 18.41
N PRO A 75 -24.35 -5.45 18.64
CA PRO A 75 -25.34 -4.87 19.52
C PRO A 75 -24.95 -5.20 20.96
N PRO A 76 -25.57 -4.58 21.96
CA PRO A 76 -25.30 -4.98 23.35
C PRO A 76 -25.55 -6.49 23.55
N GLY A 77 -24.70 -7.17 24.33
CA GLY A 77 -25.05 -8.51 24.79
C GLY A 77 -24.36 -9.64 24.01
N ILE A 78 -23.74 -9.31 22.87
CA ILE A 78 -22.76 -10.22 22.32
C ILE A 78 -21.39 -9.58 22.52
N PRO A 79 -20.48 -10.19 23.35
CA PRO A 79 -19.07 -9.80 23.37
C PRO A 79 -18.40 -9.63 22.00
N ASP A 80 -17.77 -8.47 21.82
CA ASP A 80 -17.05 -8.16 20.59
C ASP A 80 -15.57 -8.55 20.75
N TYR A 81 -15.22 -9.76 20.27
CA TYR A 81 -13.86 -10.28 20.37
C TYR A 81 -12.87 -9.34 19.64
N PHE A 82 -13.29 -8.83 18.46
CA PHE A 82 -12.38 -8.19 17.54
C PHE A 82 -12.01 -6.81 18.09
N LYS A 83 -13.02 -6.01 18.52
CA LYS A 83 -12.77 -4.67 19.02
C LYS A 83 -12.06 -4.78 20.36
N GLN A 84 -12.44 -5.74 21.21
CA GLN A 84 -11.73 -5.91 22.46
C GLN A 84 -10.24 -6.27 22.30
N SER A 85 -9.82 -6.94 21.18
CA SER A 85 -8.41 -7.34 21.00
C SER A 85 -7.44 -6.17 20.94
N PHE A 86 -7.91 -4.96 20.59
CA PHE A 86 -7.04 -3.80 20.39
C PHE A 86 -6.72 -3.20 21.76
N PRO A 87 -5.56 -2.55 21.98
CA PRO A 87 -4.55 -2.25 20.95
C PRO A 87 -3.65 -3.33 20.33
N GLU A 88 -3.56 -4.52 20.95
CA GLU A 88 -2.64 -5.57 20.49
C GLU A 88 -3.04 -6.06 19.09
N GLY A 89 -4.35 -6.22 18.89
CA GLY A 89 -4.88 -6.54 17.57
C GLY A 89 -4.98 -8.05 17.40
N TYR A 90 -5.08 -8.52 16.16
CA TYR A 90 -5.41 -9.92 15.96
C TYR A 90 -4.93 -10.29 14.56
N SER A 91 -4.80 -11.60 14.36
CA SER A 91 -4.49 -12.13 13.05
C SER A 91 -5.56 -13.15 12.70
N TRP A 92 -5.59 -13.57 11.44
CA TRP A 92 -6.54 -14.58 11.05
C TRP A 92 -6.00 -15.37 9.88
N GLU A 93 -6.55 -16.60 9.76
CA GLU A 93 -6.14 -17.51 8.67
C GLU A 93 -7.44 -18.10 8.09
N ARG A 94 -7.48 -18.29 6.77
CA ARG A 94 -8.74 -18.71 6.17
C ARG A 94 -8.43 -19.74 5.13
N THR A 95 -9.34 -20.73 5.06
CA THR A 95 -9.34 -21.73 4.02
C THR A 95 -10.60 -21.51 3.18
N MET A 96 -10.44 -21.57 1.86
CA MET A 96 -11.54 -21.29 0.96
C MET A 96 -11.69 -22.45 0.00
N ALA A 97 -12.87 -23.05 -0.12
CA ALA A 97 -13.13 -24.13 -1.04
C ALA A 97 -14.14 -23.65 -2.05
N PHE A 98 -14.01 -24.16 -3.28
CA PHE A 98 -14.98 -23.82 -4.32
C PHE A 98 -15.50 -25.09 -4.96
N GLU A 99 -16.75 -25.01 -5.45
CA GLU A 99 -17.40 -26.15 -6.06
C GLU A 99 -16.62 -26.80 -7.19
N ASP A 100 -15.74 -26.08 -7.95
CA ASP A 100 -15.05 -26.77 -9.07
C ASP A 100 -13.63 -27.24 -8.70
N GLY A 101 -13.30 -27.24 -7.39
CA GLY A 101 -12.03 -27.77 -6.89
C GLY A 101 -10.93 -26.70 -6.76
N GLY A 102 -11.23 -25.46 -7.15
CA GLY A 102 -10.37 -24.34 -6.78
C GLY A 102 -10.35 -24.19 -5.25
N PHE A 103 -9.27 -23.59 -4.75
CA PHE A 103 -9.16 -23.44 -3.32
C PHE A 103 -8.18 -22.35 -3.06
N GLY A 104 -8.24 -21.84 -1.82
CA GLY A 104 -7.25 -20.88 -1.42
C GLY A 104 -7.05 -20.77 0.07
N THR A 105 -5.86 -20.22 0.44
CA THR A 105 -5.49 -19.99 1.81
C THR A 105 -5.05 -18.55 1.97
N VAL A 106 -5.40 -17.98 3.14
CA VAL A 106 -5.18 -16.56 3.37
C VAL A 106 -4.63 -16.44 4.79
N SER A 107 -3.60 -15.61 4.97
CA SER A 107 -3.16 -15.17 6.30
C SER A 107 -3.27 -13.65 6.32
N ALA A 108 -3.76 -13.07 7.43
CA ALA A 108 -3.80 -11.60 7.55
C ALA A 108 -3.47 -11.21 8.99
N ASP A 109 -2.79 -10.05 9.09
CA ASP A 109 -2.42 -9.43 10.34
C ASP A 109 -3.09 -8.06 10.38
N ILE A 110 -3.80 -7.72 11.48
CA ILE A 110 -4.35 -6.37 11.64
C ILE A 110 -3.66 -5.68 12.80
N LYS A 111 -3.01 -4.54 12.53
CA LYS A 111 -2.36 -3.67 13.49
C LYS A 111 -3.14 -2.36 13.59
N LEU A 112 -3.22 -1.81 14.79
CA LEU A 112 -3.86 -0.54 15.05
C LEU A 112 -2.76 0.47 15.33
N LYS A 113 -2.77 1.60 14.61
CA LYS A 113 -1.90 2.75 14.91
C LYS A 113 -2.53 4.07 14.43
N ASP A 114 -2.36 5.17 15.14
CA ASP A 114 -2.75 6.49 14.62
C ASP A 114 -4.15 6.50 13.93
N ASN A 115 -5.18 5.92 14.60
CA ASN A 115 -6.56 5.77 14.11
C ASN A 115 -6.66 5.11 12.74
N THR A 116 -5.71 4.20 12.52
CA THR A 116 -5.61 3.44 11.30
C THR A 116 -5.54 1.96 11.63
N PHE A 117 -6.30 1.17 10.85
CA PHE A 117 -6.02 -0.21 10.77
C PHE A 117 -5.02 -0.47 9.61
N ILE A 118 -3.91 -1.15 9.93
CA ILE A 118 -2.92 -1.56 8.96
C ILE A 118 -3.05 -3.06 8.75
N HIS A 119 -3.51 -3.43 7.57
CA HIS A 119 -3.92 -4.76 7.26
C HIS A 119 -2.94 -5.31 6.25
N THR A 120 -2.20 -6.36 6.62
CA THR A 120 -1.24 -6.97 5.72
C THR A 120 -1.67 -8.42 5.51
N SER A 121 -1.66 -8.86 4.24
CA SER A 121 -2.18 -10.17 3.95
C SER A 121 -1.34 -10.91 2.89
N MET A 122 -1.47 -12.23 2.92
CA MET A 122 -0.90 -13.09 1.89
C MET A 122 -1.98 -14.05 1.43
N PHE A 123 -2.17 -14.18 0.12
CA PHE A 123 -3.26 -14.96 -0.47
C PHE A 123 -2.69 -15.91 -1.52
N HIS A 124 -2.98 -17.23 -1.35
CA HIS A 124 -2.59 -18.20 -2.38
C HIS A 124 -3.88 -18.87 -2.85
N GLY A 125 -4.23 -18.69 -4.13
CA GLY A 125 -5.33 -19.41 -4.77
C GLY A 125 -4.84 -20.35 -5.86
N THR A 126 -5.37 -21.58 -5.94
CA THR A 126 -4.85 -22.47 -6.95
C THR A 126 -5.92 -23.46 -7.38
N ASN A 127 -5.61 -24.19 -8.44
CA ASN A 127 -6.46 -25.24 -8.99
C ASN A 127 -7.80 -24.71 -9.52
N PHE A 128 -7.82 -23.44 -9.97
CA PHE A 128 -8.96 -22.88 -10.66
C PHE A 128 -8.91 -23.29 -12.11
N PRO A 129 -9.97 -23.86 -12.69
CA PRO A 129 -9.96 -24.22 -14.12
C PRO A 129 -9.70 -23.03 -15.02
N ALA A 130 -8.91 -23.25 -16.09
CA ALA A 130 -8.54 -22.17 -17.02
C ALA A 130 -9.77 -21.52 -17.65
N ASP A 131 -10.80 -22.35 -17.91
CA ASP A 131 -12.02 -21.93 -18.59
C ASP A 131 -13.13 -21.61 -17.56
N GLY A 132 -12.86 -21.63 -16.23
CA GLY A 132 -13.88 -21.39 -15.24
C GLY A 132 -14.10 -19.90 -14.95
N PRO A 133 -15.14 -19.56 -14.16
CA PRO A 133 -15.52 -18.15 -13.93
C PRO A 133 -14.49 -17.28 -13.22
N VAL A 134 -13.62 -17.87 -12.38
CA VAL A 134 -12.54 -17.14 -11.76
C VAL A 134 -11.48 -16.68 -12.77
N MET A 135 -10.87 -17.60 -13.49
CA MET A 135 -9.80 -17.23 -14.40
C MET A 135 -10.32 -16.47 -15.63
N GLN A 136 -11.63 -16.56 -15.92
CA GLN A 136 -12.20 -15.85 -17.04
C GLN A 136 -12.88 -14.54 -16.57
N ARG A 137 -12.84 -14.19 -15.29
CA ARG A 137 -13.39 -12.93 -14.81
C ARG A 137 -14.86 -12.79 -15.21
N LYS A 138 -15.69 -13.80 -14.92
CA LYS A 138 -17.11 -13.73 -15.23
C LYS A 138 -18.00 -13.59 -13.98
N THR A 139 -17.46 -13.10 -12.87
CA THR A 139 -18.20 -12.94 -11.62
C THR A 139 -18.67 -11.47 -11.53
N ILE A 140 -19.80 -11.30 -10.80
CA ILE A 140 -20.51 -10.05 -10.66
C ILE A 140 -20.36 -9.55 -9.21
N GLN A 141 -20.94 -10.24 -8.23
CA GLN A 141 -20.98 -9.84 -6.82
C GLN A 141 -21.21 -11.09 -5.97
N TRP A 142 -20.67 -11.09 -4.74
CA TRP A 142 -21.10 -12.08 -3.77
C TRP A 142 -22.51 -11.79 -3.28
N GLU A 143 -23.32 -12.87 -3.10
CA GLU A 143 -24.60 -12.73 -2.44
C GLU A 143 -24.37 -12.36 -0.98
N LYS A 144 -25.32 -11.66 -0.35
CA LYS A 144 -25.24 -11.41 1.09
C LYS A 144 -25.10 -12.75 1.82
N SER A 145 -24.24 -12.82 2.85
CA SER A 145 -24.00 -14.10 3.47
C SER A 145 -24.09 -13.99 4.99
N ILE A 146 -24.09 -15.17 5.63
CA ILE A 146 -24.22 -15.24 7.08
C ILE A 146 -23.07 -16.11 7.59
N GLU A 147 -22.16 -15.49 8.37
CA GLU A 147 -21.03 -16.22 8.93
C GLU A 147 -21.40 -16.70 10.33
N LYS A 148 -21.34 -18.03 10.58
CA LYS A 148 -21.60 -18.61 11.88
C LYS A 148 -20.27 -18.61 12.67
N MET A 149 -20.34 -17.96 13.83
CA MET A 149 -19.21 -17.74 14.70
C MET A 149 -19.33 -18.66 15.89
N THR A 150 -18.30 -19.50 16.10
CA THR A 150 -18.21 -20.40 17.24
C THR A 150 -16.83 -20.26 17.88
N VAL A 151 -16.68 -20.85 19.07
CA VAL A 151 -15.45 -20.83 19.84
C VAL A 151 -14.95 -22.25 20.05
N SER A 152 -13.69 -22.50 19.67
CA SER A 152 -12.99 -23.77 19.90
C SER A 152 -11.47 -23.51 19.86
N ASP A 153 -10.75 -24.30 20.64
CA ASP A 153 -9.32 -24.16 20.87
C ASP A 153 -9.03 -22.76 21.41
N GLY A 154 -9.89 -22.17 22.27
CA GLY A 154 -9.71 -20.84 22.83
C GLY A 154 -9.71 -19.73 21.79
N ILE A 155 -10.13 -19.99 20.53
CA ILE A 155 -10.16 -18.92 19.56
C ILE A 155 -11.52 -18.94 18.88
N VAL A 156 -11.74 -17.93 18.04
CA VAL A 156 -13.00 -17.81 17.35
C VAL A 156 -12.85 -18.42 15.97
N LYS A 157 -13.90 -19.11 15.53
CA LYS A 157 -13.92 -19.67 14.19
C LYS A 157 -15.17 -19.16 13.50
N GLY A 158 -15.04 -18.89 12.21
CA GLY A 158 -16.17 -18.53 11.37
C GLY A 158 -16.31 -19.43 10.16
N ASP A 159 -17.54 -19.75 9.79
CA ASP A 159 -17.88 -20.64 8.69
C ASP A 159 -19.01 -20.01 7.90
N ILE A 160 -18.81 -19.96 6.57
CA ILE A 160 -19.70 -19.31 5.64
C ILE A 160 -19.92 -20.27 4.46
N THR A 161 -21.19 -20.44 4.04
CA THR A 161 -21.59 -20.96 2.71
C THR A 161 -22.01 -19.79 1.79
N MET A 162 -21.30 -19.61 0.69
CA MET A 162 -21.28 -18.36 -0.08
C MET A 162 -21.59 -18.66 -1.55
N PHE A 163 -22.12 -17.66 -2.28
CA PHE A 163 -22.53 -17.80 -3.68
C PHE A 163 -22.06 -16.53 -4.41
N LEU A 164 -21.25 -16.71 -5.46
CA LEU A 164 -20.76 -15.65 -6.32
C LEU A 164 -21.57 -15.65 -7.61
N LEU A 165 -22.32 -14.55 -7.82
CA LEU A 165 -23.19 -14.44 -8.98
C LEU A 165 -22.31 -14.34 -10.21
N LEU A 166 -22.74 -14.97 -11.30
CA LEU A 166 -21.97 -15.01 -12.53
C LEU A 166 -22.71 -14.26 -13.65
N GLU A 167 -21.93 -13.83 -14.65
CA GLU A 167 -22.49 -13.30 -15.88
C GLU A 167 -23.32 -14.40 -16.51
N GLY A 168 -24.54 -14.06 -16.85
CA GLY A 168 -25.46 -15.00 -17.49
C GLY A 168 -26.34 -15.73 -16.47
N GLY A 169 -26.17 -15.49 -15.15
CA GLY A 169 -27.25 -15.73 -14.19
C GLY A 169 -27.01 -16.93 -13.28
N GLY A 170 -25.97 -17.74 -13.55
CA GLY A 170 -25.57 -18.78 -12.62
C GLY A 170 -24.89 -18.23 -11.34
N LYS A 171 -24.51 -19.20 -10.52
CA LYS A 171 -23.88 -18.99 -9.22
C LYS A 171 -22.68 -19.94 -9.10
N TYR A 172 -21.62 -19.49 -8.45
CA TYR A 172 -20.42 -20.24 -8.20
C TYR A 172 -20.25 -20.32 -6.68
N ARG A 173 -20.29 -21.55 -6.17
CA ARG A 173 -20.51 -21.81 -4.76
C ARG A 173 -19.14 -21.89 -4.05
N ALA A 174 -19.13 -21.49 -2.78
CA ALA A 174 -17.92 -21.42 -1.99
C ALA A 174 -18.27 -21.79 -0.55
N GLN A 175 -17.24 -22.19 0.21
CA GLN A 175 -17.36 -22.44 1.64
C GLN A 175 -16.07 -21.94 2.26
N PHE A 176 -16.18 -21.06 3.26
CA PHE A 176 -15.08 -20.39 3.89
C PHE A 176 -15.04 -20.69 5.37
N HIS A 177 -13.85 -21.15 5.82
CA HIS A 177 -13.53 -21.41 7.21
C HIS A 177 -12.46 -20.43 7.62
N THR A 178 -12.69 -19.69 8.71
CA THR A 178 -11.68 -18.73 9.18
C THR A 178 -11.39 -18.97 10.65
N SER A 179 -10.11 -18.86 11.04
CA SER A 179 -9.70 -18.93 12.42
C SER A 179 -9.19 -17.53 12.81
N TYR A 180 -9.74 -16.94 13.87
CA TYR A 180 -9.42 -15.58 14.26
C TYR A 180 -8.75 -15.66 15.62
N LYS A 181 -7.59 -15.04 15.76
CA LYS A 181 -6.75 -15.20 16.95
C LYS A 181 -6.45 -13.82 17.56
N ALA A 182 -7.02 -13.50 18.72
CA ALA A 182 -6.71 -12.28 19.49
C ALA A 182 -5.31 -12.42 20.06
N LYS A 183 -4.60 -11.28 20.11
CA LYS A 183 -3.23 -11.25 20.64
C LYS A 183 -3.24 -11.02 22.15
N LYS A 184 -4.41 -11.16 22.79
CA LYS A 184 -4.52 -11.18 24.23
C LYS A 184 -5.82 -11.87 24.62
N VAL A 185 -5.88 -12.20 25.92
CA VAL A 185 -7.06 -12.78 26.54
C VAL A 185 -8.17 -11.74 26.44
N VAL A 186 -9.34 -12.15 25.92
CA VAL A 186 -10.53 -11.32 25.91
C VAL A 186 -11.73 -12.15 26.35
N GLU A 187 -12.83 -11.45 26.68
CA GLU A 187 -14.10 -12.11 26.97
C GLU A 187 -14.58 -12.77 25.67
N MET A 188 -15.01 -14.02 25.81
CA MET A 188 -15.34 -14.85 24.65
C MET A 188 -16.85 -14.68 24.37
N PRO A 189 -17.25 -14.51 23.08
CA PRO A 189 -18.66 -14.47 22.70
C PRO A 189 -19.23 -15.89 22.72
N GLN A 190 -20.53 -15.99 23.01
CA GLN A 190 -21.32 -17.15 22.67
C GLN A 190 -21.37 -17.28 21.13
N SER A 191 -21.85 -18.43 20.67
CA SER A 191 -22.12 -18.62 19.25
C SER A 191 -23.03 -17.50 18.76
N HIS A 192 -22.73 -16.96 17.57
CA HIS A 192 -23.48 -15.86 17.00
C HIS A 192 -23.25 -15.88 15.50
N TYR A 193 -23.83 -14.88 14.82
CA TYR A 193 -23.76 -14.76 13.37
C TYR A 193 -23.27 -13.38 12.99
N VAL A 194 -22.59 -13.29 11.85
CA VAL A 194 -22.27 -12.03 11.25
C VAL A 194 -22.78 -12.02 9.82
N GLU A 195 -23.63 -11.02 9.51
CA GLU A 195 -24.19 -10.85 8.17
C GLU A 195 -23.27 -9.90 7.42
N HIS A 196 -22.90 -10.31 6.19
CA HIS A 196 -21.93 -9.59 5.41
C HIS A 196 -22.54 -9.20 4.08
N SER A 197 -22.50 -7.89 3.75
CA SER A 197 -22.89 -7.36 2.44
C SER A 197 -21.66 -6.67 1.82
N ILE A 198 -21.08 -7.27 0.75
CA ILE A 198 -19.86 -6.77 0.13
C ILE A 198 -20.19 -6.40 -1.30
N GLU A 199 -19.67 -5.26 -1.75
CA GLU A 199 -19.85 -4.87 -3.15
C GLU A 199 -18.51 -4.49 -3.76
N ARG A 200 -18.31 -4.85 -5.04
CA ARG A 200 -17.14 -4.38 -5.78
C ARG A 200 -17.62 -3.39 -6.87
N THR A 201 -16.92 -2.25 -7.06
CA THR A 201 -17.21 -1.30 -8.11
C THR A 201 -15.93 -0.82 -8.82
N ASN A 202 -16.12 -0.21 -9.98
CA ASN A 202 -15.10 0.50 -10.71
C ASN A 202 -13.83 -0.33 -10.91
N ASP A 203 -13.95 -1.59 -11.32
CA ASP A 203 -12.81 -2.52 -11.42
C ASP A 203 -12.36 -2.62 -12.89
N ASP A 204 -11.16 -2.10 -13.19
CA ASP A 204 -10.61 -2.25 -14.53
C ASP A 204 -9.49 -3.30 -14.58
N GLY A 205 -9.26 -4.05 -13.51
CA GLY A 205 -8.16 -5.03 -13.45
C GLY A 205 -6.87 -4.46 -12.83
N THR A 206 -6.71 -3.13 -12.83
CA THR A 206 -5.58 -2.47 -12.19
C THR A 206 -5.99 -1.72 -10.94
N GLN A 207 -7.16 -1.05 -10.96
CA GLN A 207 -7.73 -0.48 -9.76
C GLN A 207 -9.18 -0.96 -9.64
N PHE A 208 -9.65 -1.00 -8.39
CA PHE A 208 -11.02 -1.35 -8.06
C PHE A 208 -11.36 -0.79 -6.68
N GLU A 209 -12.65 -0.66 -6.44
CA GLU A 209 -13.16 -0.27 -5.14
C GLU A 209 -13.99 -1.41 -4.53
N LEU A 210 -14.00 -1.45 -3.22
CA LEU A 210 -14.84 -2.37 -2.47
C LEU A 210 -15.55 -1.60 -1.36
N ASN A 211 -16.70 -2.11 -0.93
CA ASN A 211 -17.31 -1.66 0.30
C ASN A 211 -17.95 -2.86 1.01
N GLU A 212 -18.18 -2.69 2.32
CA GLU A 212 -18.85 -3.73 3.09
C GLU A 212 -19.66 -3.09 4.22
N HIS A 213 -20.82 -3.69 4.53
CA HIS A 213 -21.50 -3.54 5.81
C HIS A 213 -21.66 -4.92 6.46
N ALA A 214 -21.39 -4.96 7.76
CA ALA A 214 -21.42 -6.21 8.51
C ALA A 214 -22.02 -5.95 9.89
N VAL A 215 -22.99 -6.84 10.25
CA VAL A 215 -23.70 -6.73 11.50
C VAL A 215 -23.75 -8.08 12.18
N ALA A 216 -23.49 -8.10 13.51
CA ALA A 216 -23.58 -9.33 14.32
C ALA A 216 -25.01 -9.47 14.85
N ARG A 217 -25.53 -10.68 14.88
CA ARG A 217 -26.80 -11.02 15.50
C ARG A 217 -26.68 -12.34 16.31
N LEU A 218 -27.61 -12.54 17.21
CA LEU A 218 -27.71 -13.72 18.05
C LEU A 218 -28.43 -14.88 17.32
N ASN A 219 -29.41 -14.59 16.44
CA ASN A 219 -30.06 -15.60 15.57
C ASN A 219 -30.13 -15.09 14.12
N GLU A 220 -29.45 -15.78 13.17
CA GLU A 220 -29.56 -15.69 11.70
C GLU A 220 -29.28 -14.32 10.98
N ILE B 9 -1.14 13.84 -19.56
CA ILE B 9 -0.94 14.17 -18.12
C ILE B 9 -1.88 15.32 -17.80
N PRO B 10 -2.96 15.08 -17.00
CA PRO B 10 -3.87 16.15 -16.62
C PRO B 10 -3.33 17.02 -15.49
N ASP B 11 -4.07 18.08 -15.19
CA ASP B 11 -3.67 19.07 -14.20
C ASP B 11 -3.60 18.49 -12.78
N ASP B 12 -4.50 17.55 -12.44
CA ASP B 12 -4.65 17.01 -11.09
C ASP B 12 -4.61 15.50 -11.20
N MET B 13 -3.70 14.86 -10.46
CA MET B 13 -3.47 13.42 -10.54
C MET B 13 -3.40 12.79 -9.15
N GLU B 14 -3.78 11.52 -9.11
CA GLU B 14 -3.62 10.64 -7.93
C GLU B 14 -2.24 9.98 -7.99
N LEU B 15 -1.66 9.76 -6.83
CA LEU B 15 -0.39 9.05 -6.66
C LEU B 15 -0.58 7.83 -5.77
N ILE B 16 0.04 6.73 -6.18
CA ILE B 16 0.08 5.50 -5.42
C ILE B 16 1.55 5.08 -5.40
N PHE B 17 2.07 4.65 -4.24
CA PHE B 17 3.45 4.21 -4.05
C PHE B 17 3.54 2.85 -3.37
N HIS B 18 4.50 2.01 -3.85
CA HIS B 18 4.99 0.84 -3.15
C HIS B 18 6.50 0.87 -3.16
N MET B 19 7.09 0.78 -1.98
CA MET B 19 8.52 0.71 -1.79
C MET B 19 8.92 -0.50 -0.93
N ASP B 20 9.87 -1.26 -1.44
CA ASP B 20 10.57 -2.31 -0.71
C ASP B 20 11.99 -1.82 -0.48
N GLY B 21 12.55 -2.17 0.65
CA GLY B 21 13.93 -1.77 0.88
C GLY B 21 14.61 -2.44 2.06
N ASN B 22 15.90 -2.14 2.16
CA ASN B 22 16.77 -2.64 3.19
C ASN B 22 17.71 -1.49 3.51
N VAL B 23 17.88 -1.17 4.80
CA VAL B 23 18.84 -0.19 5.23
C VAL B 23 19.65 -0.89 6.30
N ASN B 24 20.94 -1.06 6.07
CA ASN B 24 21.82 -1.68 7.06
C ASN B 24 21.33 -3.07 7.49
N GLY B 25 20.66 -3.86 6.63
CA GLY B 25 20.14 -5.18 7.03
C GLY B 25 18.68 -5.13 7.56
N HIS B 26 18.10 -3.96 7.80
CA HIS B 26 16.72 -3.86 8.26
C HIS B 26 15.81 -3.74 7.03
N TYR B 27 14.94 -4.72 6.82
CA TYR B 27 13.99 -4.78 5.71
C TYR B 27 12.71 -3.99 6.08
N PHE B 28 12.12 -3.32 5.09
CA PHE B 28 10.86 -2.63 5.26
C PHE B 28 10.10 -2.59 3.94
N THR B 29 8.80 -2.29 4.10
CA THR B 29 7.89 -2.00 3.00
C THR B 29 7.08 -0.77 3.40
N ILE B 30 6.84 0.10 2.42
CA ILE B 30 6.07 1.32 2.55
C ILE B 30 5.00 1.32 1.46
N VAL B 31 3.79 1.70 1.86
CA VAL B 31 2.75 2.09 0.92
C VAL B 31 2.40 3.56 1.18
N ALA B 32 1.99 4.25 0.14
CA ALA B 32 1.59 5.64 0.24
C ALA B 32 0.63 6.00 -0.85
N THR B 33 -0.15 7.06 -0.52
CA THR B 33 -1.12 7.65 -1.40
C THR B 33 -0.99 9.17 -1.35
N GLY B 34 -1.25 9.80 -2.47
CA GLY B 34 -1.18 11.24 -2.54
C GLY B 34 -1.72 11.80 -3.83
N LYS B 35 -1.28 13.03 -4.10
CA LYS B 35 -1.90 13.84 -5.11
C LYS B 35 -0.84 14.73 -5.71
N ALA B 36 -1.02 15.06 -6.98
CA ALA B 36 -0.10 15.94 -7.68
C ALA B 36 -0.82 16.94 -8.53
N LYS B 37 -0.08 18.05 -8.74
CA LYS B 37 -0.38 19.01 -9.79
C LYS B 37 0.86 19.09 -10.68
N PRO B 38 0.98 18.23 -11.69
CA PRO B 38 2.25 18.10 -12.42
C PRO B 38 2.80 19.38 -13.07
N TYR B 39 1.92 20.20 -13.62
CA TYR B 39 2.33 21.44 -14.27
C TYR B 39 2.75 22.50 -13.26
N GLU B 40 2.31 22.41 -11.99
CA GLU B 40 2.80 23.29 -10.94
C GLU B 40 4.07 22.76 -10.26
N GLY B 41 4.49 21.53 -10.57
CA GLY B 41 5.59 20.88 -9.90
C GLY B 41 5.31 20.59 -8.42
N LYS B 42 4.05 20.34 -8.07
CA LYS B 42 3.65 20.16 -6.67
C LYS B 42 3.09 18.74 -6.48
N GLN B 43 3.48 18.14 -5.37
CA GLN B 43 2.78 16.94 -4.93
C GLN B 43 2.88 16.78 -3.41
N ASN B 44 2.03 15.87 -2.90
CA ASN B 44 2.08 15.49 -1.52
C ASN B 44 1.74 13.99 -1.40
N LEU B 45 2.06 13.42 -0.23
CA LEU B 45 1.67 12.06 0.05
C LEU B 45 1.55 11.82 1.54
N LYS B 46 0.83 10.74 1.85
CA LYS B 46 0.87 10.14 3.19
C LYS B 46 1.28 8.66 3.11
N ALA B 47 2.27 8.28 3.90
CA ALA B 47 2.92 6.99 3.80
C ALA B 47 2.68 6.18 5.08
N THR B 48 2.58 4.84 4.92
CA THR B 48 2.50 3.89 6.01
C THR B 48 3.55 2.79 5.80
N VAL B 49 4.33 2.57 6.85
CA VAL B 49 5.32 1.49 6.88
C VAL B 49 4.58 0.20 7.26
N THR B 50 4.31 -0.68 6.27
CA THR B 50 3.51 -1.89 6.53
C THR B 50 4.37 -3.10 6.90
N LYS B 51 5.69 -3.06 6.72
CA LYS B 51 6.58 -4.11 7.23
C LYS B 51 7.83 -3.40 7.73
N GLY B 52 8.33 -3.83 8.90
CA GLY B 52 9.61 -3.31 9.43
C GLY B 52 9.43 -1.98 10.18
N ALA B 53 8.23 -1.74 10.67
CA ALA B 53 7.93 -0.51 11.40
C ALA B 53 8.24 -0.75 12.87
N PRO B 54 8.58 0.27 13.68
CA PRO B 54 8.89 1.61 13.21
C PRO B 54 10.26 1.64 12.52
N LEU B 55 10.38 2.47 11.47
CA LEU B 55 11.57 2.56 10.68
C LEU B 55 12.69 2.96 11.65
N PRO B 56 13.76 2.18 11.76
CA PRO B 56 14.91 2.55 12.60
C PRO B 56 16.00 3.41 11.96
N PHE B 57 15.68 4.13 10.91
CA PHE B 57 16.60 5.08 10.30
C PHE B 57 15.77 6.27 9.81
N SER B 58 16.47 7.33 9.42
CA SER B 58 15.89 8.57 8.96
C SER B 58 15.05 8.37 7.71
N THR B 59 13.81 8.83 7.79
CA THR B 59 12.91 8.88 6.64
C THR B 59 13.52 9.75 5.53
N ASP B 60 14.37 10.74 5.88
CA ASP B 60 14.94 11.64 4.87
C ASP B 60 15.83 10.96 3.85
N ILE B 61 16.34 9.75 4.12
CA ILE B 61 17.15 9.09 3.10
C ILE B 61 16.22 8.50 2.04
N LEU B 62 14.93 8.39 2.32
CA LEU B 62 14.05 7.83 1.31
C LEU B 62 13.00 8.77 0.76
N SER B 63 12.90 9.98 1.30
CA SER B 63 11.87 10.91 0.87
C SER B 63 12.04 11.35 -0.58
N THR B 64 13.30 11.53 -1.05
CA THR B 64 13.57 11.81 -2.46
C THR B 64 13.37 10.59 -3.39
N VAL B 65 13.17 9.39 -2.85
CA VAL B 65 12.80 8.24 -3.67
C VAL B 65 11.34 8.36 -4.10
N MET B 66 10.50 8.75 -3.17
CA MET B 66 9.06 8.90 -3.42
C MET B 66 8.74 10.23 -4.10
C1 5SQ B 67 10.70 12.74 -5.37
C2 5SQ B 67 12.28 12.46 -6.93
O3 5SQ B 67 10.12 9.54 -8.85
C3 5SQ B 67 10.17 10.68 -8.43
CA3 5SQ B 67 10.52 10.74 -6.93
N3 5SQ B 67 11.09 11.98 -6.46
O2 5SQ B 67 12.96 11.89 -7.76
CA1 5SQ B 67 9.49 12.52 -4.54
N1 5SQ B 67 9.60 11.27 -3.77
CB1 5SQ B 67 9.21 13.64 -3.54
CG1 5SQ B 67 7.84 13.61 -2.89
C2H 5SQ B 67 7.40 14.28 -1.80
N2H 5SQ B 67 6.02 14.13 -1.73
N1H 5SQ B 67 6.73 13.04 -3.52
C1H 5SQ B 67 5.69 13.28 -2.73
N2 5SQ B 67 11.61 13.65 -5.06
CA2 5SQ B 67 12.64 13.54 -6.00
CB2 5SQ B 67 13.82 14.19 -6.06
CG2 5SQ B 67 14.39 15.18 -5.15
CD2 5SQ B 67 13.66 15.87 -4.15
CE2 5SQ B 67 14.26 16.80 -3.34
CD1 5SQ B 67 15.73 15.51 -5.33
CE1 5SQ B 67 16.35 16.42 -4.48
CZ1 5SQ B 67 15.62 17.08 -3.51
OH 5SQ B 67 16.22 17.99 -2.69
N ASN B 68 9.76 11.73 -8.99
CA ASN B 68 9.07 11.71 -10.30
C ASN B 68 9.32 13.06 -10.94
N ARG B 69 10.16 13.07 -11.96
CA ARG B 69 10.55 14.30 -12.63
C ARG B 69 9.50 14.73 -13.66
N GLY B 70 8.39 13.98 -13.79
CA GLY B 70 7.21 14.48 -14.46
C GLY B 70 6.47 15.55 -13.62
N ILE B 71 6.76 15.70 -12.34
CA ILE B 71 6.05 16.60 -11.46
C ILE B 71 7.02 17.77 -11.18
N VAL B 72 7.17 18.59 -12.22
CA VAL B 72 8.12 19.68 -12.25
C VAL B 72 7.44 20.76 -13.08
N HIS B 73 7.50 22.00 -12.60
CA HIS B 73 7.06 23.12 -13.41
C HIS B 73 8.18 23.42 -14.43
N TYR B 74 7.95 23.06 -15.71
CA TYR B 74 8.82 23.38 -16.83
C TYR B 74 8.18 24.52 -17.62
N PRO B 75 8.81 25.71 -17.82
CA PRO B 75 8.40 26.61 -18.91
C PRO B 75 8.97 26.29 -20.31
N PRO B 79 11.20 22.11 -22.03
CA PRO B 79 11.43 20.96 -22.91
C PRO B 79 11.46 19.67 -22.07
N ASP B 80 10.33 18.94 -22.06
CA ASP B 80 9.97 18.13 -20.89
C ASP B 80 10.07 16.63 -21.18
N TYR B 81 11.25 16.03 -20.95
CA TYR B 81 11.50 14.60 -21.19
C TYR B 81 10.50 13.73 -20.41
N PHE B 82 10.16 14.11 -19.18
CA PHE B 82 9.43 13.25 -18.28
C PHE B 82 7.97 13.23 -18.72
N LYS B 83 7.37 14.42 -18.92
CA LYS B 83 5.98 14.53 -19.35
C LYS B 83 5.82 13.94 -20.75
N GLN B 84 6.80 14.18 -21.62
CA GLN B 84 6.75 13.62 -22.96
C GLN B 84 6.80 12.09 -23.00
N SER B 85 7.39 11.42 -21.99
CA SER B 85 7.50 9.95 -22.00
C SER B 85 6.14 9.24 -21.90
N PHE B 86 5.08 9.92 -21.42
CA PHE B 86 3.81 9.28 -21.12
C PHE B 86 2.97 9.06 -22.38
N PRO B 87 1.74 8.50 -22.24
CA PRO B 87 1.53 7.07 -21.96
C PRO B 87 2.59 6.09 -21.38
N GLU B 88 3.70 5.85 -22.11
CA GLU B 88 4.57 4.70 -21.91
C GLU B 88 5.24 4.77 -20.53
N GLY B 89 5.69 5.98 -20.16
CA GLY B 89 6.24 6.23 -18.82
C GLY B 89 7.74 6.06 -18.78
N TYR B 90 8.33 5.96 -17.57
CA TYR B 90 9.79 5.94 -17.51
C TYR B 90 10.22 5.23 -16.24
N SER B 91 11.49 4.81 -16.22
CA SER B 91 12.07 4.26 -15.01
C SER B 91 13.34 5.03 -14.67
N TRP B 92 13.83 4.83 -13.45
CA TRP B 92 15.10 5.46 -13.12
C TRP B 92 15.87 4.63 -12.11
N GLU B 93 17.17 4.85 -12.13
CA GLU B 93 18.11 4.23 -11.21
C GLU B 93 19.04 5.26 -10.65
N ARG B 94 19.41 5.11 -9.39
CA ARG B 94 20.08 6.19 -8.67
C ARG B 94 21.13 5.56 -7.75
N THR B 95 22.27 6.26 -7.61
CA THR B 95 23.21 5.97 -6.55
C THR B 95 23.23 7.16 -5.58
N MET B 96 23.53 6.89 -4.31
CA MET B 96 23.58 7.89 -3.28
C MET B 96 24.84 7.62 -2.47
N ALA B 97 25.47 8.69 -2.02
CA ALA B 97 26.57 8.59 -1.05
C ALA B 97 26.42 9.73 -0.05
N PHE B 98 26.72 9.44 1.19
CA PHE B 98 26.65 10.43 2.29
C PHE B 98 27.99 10.62 2.93
N GLU B 99 28.16 11.78 3.57
CA GLU B 99 29.51 12.16 3.97
C GLU B 99 30.16 11.21 4.96
N ASP B 100 29.40 10.45 5.78
CA ASP B 100 29.97 9.56 6.79
C ASP B 100 30.14 8.12 6.28
N GLY B 101 29.90 7.92 4.95
CA GLY B 101 30.21 6.70 4.25
C GLY B 101 28.99 5.82 4.02
N GLY B 102 27.82 6.23 4.49
CA GLY B 102 26.60 5.52 4.14
C GLY B 102 26.33 5.65 2.63
N PHE B 103 25.74 4.64 1.97
CA PHE B 103 25.58 4.77 0.53
C PHE B 103 24.54 3.76 0.06
N GLY B 104 24.27 3.82 -1.23
CA GLY B 104 23.47 2.74 -1.80
C GLY B 104 22.89 3.04 -3.16
N THR B 105 21.85 2.23 -3.48
CA THR B 105 21.22 2.26 -4.78
C THR B 105 19.71 2.36 -4.59
N VAL B 106 19.05 2.88 -5.63
CA VAL B 106 17.61 2.94 -5.70
C VAL B 106 17.20 2.71 -7.14
N SER B 107 16.10 2.01 -7.35
CA SER B 107 15.47 1.82 -8.66
CA SER B 107 15.47 1.83 -8.65
C SER B 107 14.00 2.18 -8.51
N ALA B 108 13.43 2.84 -9.53
CA ALA B 108 12.00 3.14 -9.54
C ALA B 108 11.41 2.93 -10.93
N ASP B 109 10.15 2.53 -10.96
CA ASP B 109 9.37 2.46 -12.18
C ASP B 109 8.10 3.31 -11.97
N ILE B 110 7.77 4.14 -12.96
CA ILE B 110 6.59 4.98 -12.91
C ILE B 110 5.70 4.60 -14.07
N LYS B 111 4.47 4.18 -13.72
CA LYS B 111 3.45 3.83 -14.66
C LYS B 111 2.36 4.90 -14.58
N LEU B 112 1.82 5.25 -15.73
CA LEU B 112 0.66 6.12 -15.81
C LEU B 112 -0.54 5.23 -16.08
N LYS B 113 -1.58 5.34 -15.25
CA LYS B 113 -2.84 4.67 -15.50
C LYS B 113 -4.00 5.63 -15.23
N ASP B 114 -4.72 5.98 -16.31
CA ASP B 114 -5.67 7.09 -16.48
C ASP B 114 -5.10 8.32 -15.78
N ASN B 115 -5.38 8.44 -14.49
CA ASN B 115 -5.18 9.68 -13.76
C ASN B 115 -4.22 9.48 -12.60
N THR B 116 -3.50 8.36 -12.63
CA THR B 116 -2.71 7.94 -11.51
C THR B 116 -1.29 7.68 -11.98
N PHE B 117 -0.30 8.22 -11.21
CA PHE B 117 1.03 7.67 -11.30
C PHE B 117 1.17 6.52 -10.30
N ILE B 118 1.54 5.35 -10.79
CA ILE B 118 1.87 4.23 -9.93
C ILE B 118 3.38 4.04 -9.84
N HIS B 119 3.93 4.31 -8.64
CA HIS B 119 5.34 4.43 -8.42
C HIS B 119 5.83 3.27 -7.57
N THR B 120 6.63 2.39 -8.14
CA THR B 120 7.18 1.25 -7.42
C THR B 120 8.69 1.41 -7.34
N SER B 121 9.23 1.22 -6.15
CA SER B 121 10.65 1.45 -5.91
C SER B 121 11.27 0.37 -5.02
N MET B 122 12.59 0.27 -5.14
CA MET B 122 13.42 -0.61 -4.31
C MET B 122 14.64 0.16 -3.84
N PHE B 123 14.97 0.10 -2.54
CA PHE B 123 16.06 0.88 -1.95
C PHE B 123 16.99 -0.01 -1.15
N HIS B 124 18.30 0.03 -1.45
CA HIS B 124 19.33 -0.71 -0.76
C HIS B 124 20.32 0.32 -0.22
N GLY B 125 20.28 0.56 1.09
CA GLY B 125 21.21 1.44 1.80
C GLY B 125 22.09 0.64 2.75
N THR B 126 23.36 1.04 2.89
CA THR B 126 24.27 0.29 3.71
C THR B 126 25.39 1.21 4.19
N ASN B 127 26.18 0.67 5.12
CA ASN B 127 27.34 1.28 5.71
C ASN B 127 27.03 2.61 6.44
N PHE B 128 25.80 2.83 6.94
CA PHE B 128 25.52 3.96 7.79
C PHE B 128 26.03 3.69 9.19
N PRO B 129 26.86 4.55 9.79
CA PRO B 129 27.31 4.33 11.18
C PRO B 129 26.15 4.19 12.14
N ALA B 130 26.27 3.22 13.06
CA ALA B 130 25.18 2.92 14.00
C ALA B 130 24.87 4.14 14.88
N ASP B 131 25.84 4.99 15.15
CA ASP B 131 25.68 6.17 15.98
C ASP B 131 25.52 7.44 15.14
N GLY B 132 25.37 7.32 13.81
CA GLY B 132 25.29 8.47 12.94
C GLY B 132 23.86 9.06 12.89
N PRO B 133 23.69 10.26 12.31
CA PRO B 133 22.37 10.91 12.25
C PRO B 133 21.30 10.14 11.48
N VAL B 134 21.68 9.29 10.50
CA VAL B 134 20.71 8.46 9.82
C VAL B 134 20.09 7.39 10.73
N MET B 135 20.91 6.52 11.26
CA MET B 135 20.43 5.43 12.11
C MET B 135 19.87 5.89 13.47
N GLN B 136 20.22 7.10 13.90
CA GLN B 136 19.65 7.65 15.12
C GLN B 136 18.46 8.59 14.85
N ARG B 137 18.04 8.75 13.59
CA ARG B 137 16.93 9.63 13.21
C ARG B 137 17.10 11.03 13.82
N LYS B 138 18.24 11.66 13.52
CA LYS B 138 18.50 13.02 13.91
C LYS B 138 18.51 13.99 12.73
N THR B 139 17.77 13.71 11.66
CA THR B 139 17.66 14.61 10.51
C THR B 139 16.35 15.40 10.64
N ILE B 140 16.37 16.65 10.17
CA ILE B 140 15.23 17.55 10.21
C ILE B 140 14.56 17.66 8.81
N GLN B 141 15.26 18.28 7.87
CA GLN B 141 14.74 18.54 6.53
C GLN B 141 15.94 18.67 5.58
N TRP B 142 15.72 18.33 4.31
CA TRP B 142 16.68 18.66 3.27
C TRP B 142 16.66 20.17 3.01
N GLU B 143 17.81 20.75 2.75
CA GLU B 143 17.83 22.13 2.26
C GLU B 143 17.28 22.13 0.84
N LYS B 144 16.71 23.25 0.39
CA LYS B 144 16.38 23.42 -1.02
C LYS B 144 17.59 23.11 -1.90
N SER B 145 17.42 22.38 -3.00
CA SER B 145 18.59 21.91 -3.75
C SER B 145 18.40 22.15 -5.23
N ILE B 146 19.50 22.03 -5.97
CA ILE B 146 19.47 22.21 -7.41
C ILE B 146 20.06 20.96 -8.05
N GLU B 147 19.25 20.31 -8.93
CA GLU B 147 19.64 19.09 -9.59
C GLU B 147 20.07 19.49 -11.01
N LYS B 148 21.32 19.17 -11.40
CA LYS B 148 21.83 19.46 -12.72
C LYS B 148 21.40 18.33 -13.65
N MET B 149 20.75 18.68 -14.75
CA MET B 149 20.23 17.73 -15.72
C MET B 149 21.10 17.82 -16.96
N THR B 150 21.68 16.67 -17.40
CA THR B 150 22.46 16.62 -18.64
C THR B 150 22.01 15.40 -19.45
N VAL B 151 22.45 15.35 -20.70
CA VAL B 151 22.18 14.27 -21.66
C VAL B 151 23.50 13.59 -22.05
N SER B 152 23.53 12.26 -21.97
CA SER B 152 24.70 11.42 -22.19
C SER B 152 24.25 9.98 -22.40
N ASP B 153 24.92 9.25 -23.31
CA ASP B 153 24.58 7.87 -23.63
C ASP B 153 23.08 7.75 -23.94
N GLY B 154 22.52 8.68 -24.75
CA GLY B 154 21.10 8.76 -25.11
C GLY B 154 20.11 8.82 -23.93
N ILE B 155 20.59 9.17 -22.72
CA ILE B 155 19.88 9.04 -21.44
C ILE B 155 19.90 10.42 -20.79
N VAL B 156 18.95 10.72 -19.92
CA VAL B 156 19.05 11.90 -19.08
C VAL B 156 19.69 11.54 -17.75
N LYS B 157 20.64 12.37 -17.31
CA LYS B 157 21.29 12.18 -16.03
C LYS B 157 21.06 13.37 -15.14
N GLY B 158 20.91 13.10 -13.85
CA GLY B 158 20.70 14.13 -12.86
C GLY B 158 21.76 13.97 -11.78
N ASP B 159 22.45 15.05 -11.45
CA ASP B 159 23.45 15.02 -10.37
C ASP B 159 23.07 16.12 -9.36
N ILE B 160 23.16 15.80 -8.07
CA ILE B 160 22.88 16.76 -6.99
C ILE B 160 23.93 16.56 -5.92
N THR B 161 24.40 17.67 -5.35
CA THR B 161 25.00 17.68 -4.02
C THR B 161 24.03 18.45 -3.10
N MET B 162 23.61 17.83 -2.01
CA MET B 162 22.50 18.30 -1.19
C MET B 162 22.96 18.25 0.27
N PHE B 163 22.32 19.04 1.12
CA PHE B 163 22.59 19.05 2.55
C PHE B 163 21.31 18.77 3.34
N LEU B 164 21.40 17.84 4.30
CA LEU B 164 20.37 17.54 5.24
C LEU B 164 20.66 18.22 6.58
N LEU B 165 19.70 19.02 7.04
CA LEU B 165 19.85 19.69 8.33
C LEU B 165 19.74 18.63 9.40
N LEU B 166 20.52 18.80 10.46
CA LEU B 166 20.51 17.87 11.58
C LEU B 166 20.00 18.56 12.84
N GLU B 167 19.61 17.71 13.80
CA GLU B 167 19.25 18.16 15.12
C GLU B 167 20.50 18.80 15.71
N GLY B 168 20.33 20.00 16.24
CA GLY B 168 21.42 20.73 16.84
C GLY B 168 22.02 21.81 15.93
N GLY B 169 21.69 21.78 14.62
N GLY B 169 21.69 21.80 14.62
CA GLY B 169 21.98 22.89 13.72
CA GLY B 169 22.01 22.92 13.74
C GLY B 169 23.08 22.57 12.69
C GLY B 169 23.16 22.62 12.77
N GLY B 170 23.74 21.42 12.83
CA GLY B 170 24.73 20.98 11.83
C GLY B 170 24.05 20.48 10.53
N LYS B 171 24.88 20.11 9.55
CA LYS B 171 24.43 19.72 8.23
C LYS B 171 25.16 18.44 7.82
N TYR B 172 24.54 17.70 6.91
CA TYR B 172 25.02 16.37 6.54
C TYR B 172 24.96 16.29 5.02
N ARG B 173 26.10 16.14 4.39
CA ARG B 173 26.20 16.24 2.93
C ARG B 173 25.83 14.91 2.29
N ALA B 174 25.22 15.02 1.09
CA ALA B 174 24.89 13.85 0.30
C ALA B 174 25.06 14.21 -1.17
N GLN B 175 25.23 13.18 -2.00
CA GLN B 175 25.37 13.33 -3.43
C GLN B 175 24.51 12.23 -4.02
N PHE B 176 23.75 12.62 -5.06
CA PHE B 176 22.91 11.68 -5.79
C PHE B 176 23.22 11.74 -7.28
N HIS B 177 23.19 10.57 -7.94
CA HIS B 177 23.44 10.44 -9.35
C HIS B 177 22.28 9.60 -9.89
N THR B 178 21.51 10.14 -10.84
CA THR B 178 20.33 9.42 -11.34
C THR B 178 20.44 9.31 -12.86
N SER B 179 20.10 8.14 -13.39
CA SER B 179 19.89 7.89 -14.79
C SER B 179 18.39 7.70 -15.04
N TYR B 180 17.87 8.41 -16.04
CA TYR B 180 16.44 8.50 -16.30
C TYR B 180 16.27 7.95 -17.71
N LYS B 181 15.45 6.90 -17.82
CA LYS B 181 15.26 6.15 -19.05
C LYS B 181 13.78 6.18 -19.48
N ALA B 182 13.43 7.08 -20.44
CA ALA B 182 12.10 7.09 -21.06
C ALA B 182 11.90 5.83 -21.92
N LYS B 183 10.66 5.33 -21.95
CA LYS B 183 10.29 4.14 -22.73
C LYS B 183 9.79 4.48 -24.14
N LYS B 184 9.52 5.77 -24.44
CA LYS B 184 9.09 6.22 -25.76
C LYS B 184 10.21 7.10 -26.36
N PRO B 189 15.95 17.46 -24.02
CA PRO B 189 16.23 18.80 -23.52
C PRO B 189 17.70 19.15 -23.68
N GLN B 190 18.02 20.46 -23.71
CA GLN B 190 19.37 20.92 -23.40
C GLN B 190 19.68 20.60 -21.92
N SER B 191 20.96 20.72 -21.52
CA SER B 191 21.31 20.80 -20.09
C SER B 191 20.43 21.85 -19.41
N HIS B 192 19.92 21.55 -18.20
CA HIS B 192 19.08 22.48 -17.47
C HIS B 192 19.18 22.11 -15.99
N TYR B 193 18.48 22.87 -15.15
CA TYR B 193 18.49 22.65 -13.71
C TYR B 193 17.06 22.46 -13.22
N VAL B 194 16.94 21.74 -12.10
CA VAL B 194 15.67 21.59 -11.42
C VAL B 194 15.89 21.92 -9.94
N GLU B 195 15.21 22.97 -9.45
CA GLU B 195 15.19 23.31 -8.03
C GLU B 195 14.10 22.52 -7.32
N HIS B 196 14.45 21.89 -6.20
CA HIS B 196 13.56 21.01 -5.45
C HIS B 196 13.46 21.53 -4.01
N SER B 197 12.25 21.48 -3.43
CA SER B 197 12.08 21.71 -2.00
C SER B 197 11.16 20.61 -1.52
N ILE B 198 11.56 19.91 -0.46
CA ILE B 198 10.80 18.77 0.00
C ILE B 198 10.61 18.99 1.49
N GLU B 199 9.41 18.73 1.97
CA GLU B 199 9.12 18.92 3.39
C GLU B 199 8.55 17.61 3.93
N ARG B 200 9.09 17.17 5.08
CA ARG B 200 8.57 16.02 5.81
C ARG B 200 7.81 16.46 7.05
N THR B 201 6.66 15.83 7.31
CA THR B 201 5.85 16.18 8.49
C THR B 201 5.28 14.90 9.11
N ASN B 202 4.89 15.03 10.40
CA ASN B 202 4.03 14.08 11.08
C ASN B 202 4.59 12.68 11.00
N ASP B 203 5.89 12.55 11.24
CA ASP B 203 6.61 11.30 11.10
C ASP B 203 6.82 10.66 12.47
N ASP B 204 6.14 9.52 12.71
CA ASP B 204 6.30 8.81 13.97
C ASP B 204 7.06 7.50 13.78
N GLY B 205 7.63 7.26 12.58
CA GLY B 205 8.31 5.98 12.31
C GLY B 205 7.40 4.92 11.69
N THR B 206 6.08 5.09 11.78
CA THR B 206 5.12 4.19 11.16
C THR B 206 4.35 4.89 10.04
N GLN B 207 3.94 6.12 10.24
CA GLN B 207 3.41 6.92 9.14
C GLN B 207 4.20 8.23 9.11
N PHE B 208 4.11 8.86 7.93
CA PHE B 208 4.73 10.14 7.68
C PHE B 208 4.10 10.78 6.45
N GLU B 209 4.33 12.09 6.33
CA GLU B 209 3.79 12.86 5.21
C GLU B 209 4.95 13.58 4.53
N LEU B 210 4.82 13.78 3.21
CA LEU B 210 5.79 14.54 2.44
C LEU B 210 5.05 15.48 1.49
N ASN B 211 5.73 16.56 1.12
CA ASN B 211 5.28 17.37 -0.02
C ASN B 211 6.52 17.93 -0.73
N GLU B 212 6.38 18.19 -2.02
CA GLU B 212 7.54 18.62 -2.77
C GLU B 212 7.08 19.60 -3.83
N HIS B 213 7.90 20.64 -4.05
CA HIS B 213 7.70 21.57 -5.13
C HIS B 213 8.99 21.67 -5.94
N ALA B 214 8.86 21.51 -7.28
CA ALA B 214 10.02 21.42 -8.17
C ALA B 214 9.76 22.28 -9.39
N VAL B 215 10.77 23.09 -9.74
CA VAL B 215 10.71 24.05 -10.81
C VAL B 215 11.98 23.87 -11.68
N ALA B 216 11.81 23.81 -13.01
CA ALA B 216 12.93 23.73 -13.96
C ALA B 216 13.36 25.12 -14.38
N ARG B 217 14.68 25.41 -14.49
CA ARG B 217 15.20 26.61 -15.17
C ARG B 217 16.45 26.31 -16.02
N LEU B 218 17.03 27.32 -16.68
CA LEU B 218 18.09 27.16 -17.68
C LEU B 218 19.51 27.18 -17.07
N NO3 C . -14.32 -26.47 8.75
O1 NO3 C . -13.23 -26.27 8.18
O2 NO3 C . -14.41 -26.34 9.96
O3 NO3 C . -15.33 -26.86 8.10
N NO3 D . 0.32 -12.00 6.59
O1 NO3 D . 0.62 -13.14 6.28
O2 NO3 D . -0.53 -11.84 7.45
O3 NO3 D . 0.87 -11.01 6.02
N NO3 E . -7.84 -21.71 8.54
O1 NO3 E . -6.83 -21.52 7.89
O2 NO3 E . -7.83 -21.66 9.81
O3 NO3 E . -8.87 -22.01 7.94
N NO3 F . -25.84 -1.64 11.90
O1 NO3 F . -26.21 -2.71 11.38
O2 NO3 F . -26.53 -1.12 12.80
O3 NO3 F . -24.95 -0.99 11.39
C1 EDO G . -7.95 -27.02 -12.92
O1 EDO G . -6.60 -27.44 -12.71
C2 EDO G . -8.91 -28.04 -13.47
O2 EDO G . -9.17 -27.81 -14.85
C1 EDO H . -20.44 0.35 3.02
O1 EDO H . -19.87 1.62 3.38
C2 EDO H . -21.86 0.18 3.41
O2 EDO H . -22.64 1.38 3.61
N NO3 I . 28.96 13.02 0.19
O1 NO3 I . 29.57 13.43 1.14
O2 NO3 I . 28.46 13.82 -0.60
O3 NO3 I . 28.88 11.80 0.02
N NO3 J . 8.50 15.17 11.47
O1 NO3 J . 9.50 15.78 11.84
O2 NO3 J . 7.79 14.63 12.29
O3 NO3 J . 8.24 15.10 10.27
C1 PGE K . 24.58 9.69 -13.59
O1 PGE K . 25.09 10.78 -12.85
C2 PGE K . 23.90 8.73 -12.72
O2 PGE K . 24.07 7.40 -13.17
C3 PGE K . 24.11 6.41 -12.12
C4 PGE K . 22.75 5.80 -11.78
O4 PGE K . 20.93 3.26 -15.37
C6 PGE K . 22.18 3.42 -14.69
C5 PGE K . 22.18 3.83 -13.18
O3 PGE K . 22.05 5.26 -12.89
#